data_6TSM
#
_entry.id   6TSM
#
_cell.length_a   122.155
_cell.length_b   122.155
_cell.length_c   100.020
_cell.angle_alpha   90.000
_cell.angle_beta   90.000
_cell.angle_gamma   120.000
#
_symmetry.space_group_name_H-M   'P 63 2 2'
#
loop_
_entity.id
_entity.type
_entity.pdbx_description
1 polymer Agglutinin
2 polymer PRO-VAL-VAL-ARG
3 branched alpha-L-fucopyranose-(1-2)-[alpha-D-galactopyranose-(1-3)]beta-D-galactopyranose
4 branched alpha-L-fucopyranose-(1-2)-[alpha-D-galactopyranose-(1-3)]alpha-D-galactopyranose
5 non-polymer 'CALCIUM ION'
6 non-polymer 1,2-ETHANEDIOL
7 non-polymer 'SODIUM ION'
8 water water
#
loop_
_entity_poly.entity_id
_entity_poly.type
_entity_poly.pdbx_seq_one_letter_code
_entity_poly.pdbx_strand_id
1 'polypeptide(L)'
;MSLRRGIYHIENAGVPSAIDLKDGSSSDGTPIVGWQFTPDTINWHQLWLAEPIPNVADTFTLCNLFSGTYMDLYNGSSEA
GTAVNGWQGTAFTTNPHQLWTIKKSSDGTSYKIQNYGSKTFVDLVNGDSSDGAKIAGWTGTWDEGNPHQKWYFNRMSVSS
AEAQAAIARNPHIHGTYRGYILDGEYLVLPNATFTQIWKDSGLPGSKWREQIYDADDFAIAMKAAVGKWGADSWKANGFA
IFCGVMLGVNKAGDAAAAYNFTLTKDHADIVFFEPQNGGYLNDIGYDSYMAFY
;
AAA
2 'polypeptide(L)' PVVR BBB
#
loop_
_chem_comp.id
_chem_comp.type
_chem_comp.name
_chem_comp.formula
CA non-polymer 'CALCIUM ION' 'Ca 2'
EDO non-polymer 1,2-ETHANEDIOL 'C2 H6 O2'
FUC L-saccharide, alpha linking alpha-L-fucopyranose 'C6 H12 O5'
GAL D-saccharide, beta linking beta-D-galactopyranose 'C6 H12 O6'
GLA D-saccharide, alpha linking alpha-D-galactopyranose 'C6 H12 O6'
NA non-polymer 'SODIUM ION' 'Na 1'
#
# COMPACT_ATOMS: atom_id res chain seq x y z
N SER A 2 -18.20 -0.31 1.84
CA SER A 2 -17.27 -0.34 2.98
C SER A 2 -15.84 -0.11 2.48
N LEU A 3 -15.00 0.49 3.31
CA LEU A 3 -13.54 0.50 3.09
C LEU A 3 -13.03 -0.95 3.10
N ARG A 4 -12.23 -1.32 2.12
CA ARG A 4 -11.62 -2.67 2.05
CA ARG A 4 -11.61 -2.67 2.04
C ARG A 4 -10.33 -2.71 2.89
N ARG A 5 -10.01 -3.86 3.45
CA ARG A 5 -8.67 -4.12 4.02
C ARG A 5 -7.61 -3.62 3.05
N GLY A 6 -6.61 -2.93 3.52
CA GLY A 6 -5.59 -2.48 2.60
C GLY A 6 -4.72 -1.42 3.19
N ILE A 7 -3.80 -0.95 2.40
CA ILE A 7 -2.84 0.12 2.78
C ILE A 7 -3.31 1.41 2.14
N TYR A 8 -3.35 2.49 2.91
CA TYR A 8 -3.92 3.79 2.44
C TYR A 8 -2.99 4.93 2.75
N HIS A 9 -2.91 5.84 1.83
CA HIS A 9 -2.39 7.20 2.03
C HIS A 9 -3.56 8.15 2.27
N ILE A 10 -3.68 8.67 3.47
CA ILE A 10 -4.93 9.35 3.90
C ILE A 10 -4.74 10.87 3.81
N GLU A 11 -5.47 11.50 2.91
CA GLU A 11 -5.20 12.87 2.44
C GLU A 11 -6.40 13.77 2.80
N ASN A 12 -6.15 14.88 3.46
CA ASN A 12 -7.26 15.76 3.89
C ASN A 12 -8.03 16.27 2.65
N ALA A 13 -9.35 16.46 2.78
CA ALA A 13 -10.20 16.84 1.62
C ALA A 13 -10.06 18.35 1.31
N GLY A 14 -9.61 19.14 2.29
CA GLY A 14 -9.59 20.63 2.22
C GLY A 14 -8.24 21.16 1.78
N VAL A 15 -7.15 20.54 2.27
CA VAL A 15 -5.76 21.00 1.99
C VAL A 15 -4.91 19.76 1.73
N PRO A 16 -3.80 19.89 0.95
CA PRO A 16 -2.99 18.74 0.54
C PRO A 16 -2.03 18.29 1.66
N SER A 17 -2.59 17.89 2.76
CA SER A 17 -1.87 17.34 3.92
C SER A 17 -2.31 15.91 4.15
N ALA A 18 -1.36 15.02 4.33
CA ALA A 18 -1.62 13.62 4.65
C ALA A 18 -1.48 13.38 6.15
N ILE A 19 -2.10 12.33 6.64
CA ILE A 19 -1.92 11.88 8.03
C ILE A 19 -0.53 11.24 8.18
N ASP A 20 0.30 11.82 9.05
CA ASP A 20 1.74 11.54 9.13
C ASP A 20 2.07 11.18 10.58
N LEU A 21 2.69 10.04 10.79
CA LEU A 21 3.26 9.74 12.13
C LEU A 21 4.61 10.42 12.25
N LYS A 22 4.73 11.40 13.14
CA LYS A 22 5.87 12.34 13.10
C LYS A 22 7.20 11.55 13.25
N ASP A 23 8.11 11.77 12.29
CA ASP A 23 9.46 11.16 12.23
C ASP A 23 9.36 9.62 12.16
N GLY A 24 8.17 9.09 11.92
CA GLY A 24 7.96 7.64 11.85
C GLY A 24 8.23 6.95 13.20
N SER A 25 8.23 7.70 14.29
CA SER A 25 8.74 7.18 15.58
C SER A 25 7.79 6.09 16.13
N SER A 26 8.36 5.04 16.71
CA SER A 26 7.58 3.95 17.33
CA SER A 26 7.61 3.93 17.35
C SER A 26 7.30 4.26 18.82
N SER A 27 7.83 5.37 19.34
CA SER A 27 7.57 5.75 20.76
C SER A 27 6.04 5.86 20.98
N ASP A 28 5.55 5.37 22.10
CA ASP A 28 4.16 5.62 22.50
C ASP A 28 3.94 7.12 22.66
N GLY A 29 2.89 7.66 22.07
CA GLY A 29 2.52 9.05 22.20
C GLY A 29 3.18 9.93 21.18
N THR A 30 3.75 9.33 20.13
CA THR A 30 4.27 10.11 19.00
C THR A 30 3.11 10.82 18.31
N PRO A 31 3.20 12.15 18.09
CA PRO A 31 2.08 12.87 17.52
C PRO A 31 1.79 12.41 16.07
N ILE A 32 0.53 12.29 15.75
CA ILE A 32 0.09 12.14 14.34
C ILE A 32 -0.40 13.52 13.83
N VAL A 33 0.18 13.98 12.73
CA VAL A 33 0.12 15.38 12.29
C VAL A 33 -0.22 15.43 10.79
N GLY A 34 -0.64 16.59 10.31
CA GLY A 34 -0.72 16.83 8.89
C GLY A 34 0.63 17.16 8.32
N TRP A 35 0.90 16.68 7.13
CA TRP A 35 2.21 16.92 6.48
C TRP A 35 2.05 16.86 4.98
N GLN A 36 2.82 17.62 4.26
CA GLN A 36 2.74 17.59 2.78
C GLN A 36 3.37 16.29 2.25
N PHE A 37 3.13 15.98 1.00
CA PHE A 37 3.50 14.68 0.44
C PHE A 37 3.88 14.83 -1.02
N THR A 38 4.60 13.86 -1.53
CA THR A 38 4.97 13.82 -2.96
C THR A 38 4.24 12.65 -3.62
N PRO A 39 3.34 12.90 -4.56
CA PRO A 39 2.67 11.79 -5.26
CA PRO A 39 2.67 11.81 -5.29
C PRO A 39 3.69 10.92 -6.06
N ASP A 40 3.37 9.64 -6.23
CA ASP A 40 4.19 8.70 -7.02
C ASP A 40 5.56 8.51 -6.36
N THR A 41 5.59 8.60 -5.02
CA THR A 41 6.70 8.13 -4.20
C THR A 41 6.15 7.21 -3.12
N ILE A 42 7.04 6.58 -2.40
CA ILE A 42 6.74 6.05 -1.04
C ILE A 42 6.83 7.20 -0.05
N ASN A 43 5.70 7.61 0.51
CA ASN A 43 5.66 8.59 1.61
C ASN A 43 5.82 7.83 2.95
N TRP A 44 7.06 7.70 3.41
CA TRP A 44 7.50 6.66 4.35
C TRP A 44 6.68 6.71 5.65
N HIS A 45 6.30 7.90 6.12
CA HIS A 45 5.64 8.02 7.46
C HIS A 45 4.13 8.16 7.33
N GLN A 46 3.58 7.92 6.14
CA GLN A 46 2.18 8.34 5.81
C GLN A 46 1.40 7.17 5.22
N LEU A 47 1.82 5.92 5.48
CA LEU A 47 1.04 4.75 4.99
C LEU A 47 0.41 4.04 6.17
N TRP A 48 -0.84 3.63 6.01
CA TRP A 48 -1.66 3.09 7.10
C TRP A 48 -2.31 1.80 6.63
N LEU A 49 -2.05 0.71 7.30
CA LEU A 49 -2.75 -0.57 7.05
CA LEU A 49 -2.76 -0.57 7.03
C LEU A 49 -4.07 -0.60 7.83
N ALA A 50 -5.18 -0.67 7.12
CA ALA A 50 -6.51 -0.75 7.73
C ALA A 50 -6.93 -2.21 7.81
N GLU A 51 -7.05 -2.72 9.03
N GLU A 51 -7.20 -2.67 9.03
CA GLU A 51 -7.52 -4.10 9.32
CA GLU A 51 -7.51 -4.09 9.33
C GLU A 51 -8.96 -4.02 9.80
C GLU A 51 -8.92 -4.17 9.89
N PRO A 52 -9.91 -4.68 9.09
CA PRO A 52 -11.29 -4.75 9.58
C PRO A 52 -11.41 -5.61 10.85
N ILE A 53 -12.25 -5.17 11.77
CA ILE A 53 -12.55 -5.89 13.03
C ILE A 53 -13.73 -6.82 12.80
N PRO A 54 -13.59 -8.13 13.11
CA PRO A 54 -14.71 -9.07 12.95
C PRO A 54 -15.92 -8.68 13.83
N ASN A 55 -17.10 -8.58 13.21
CA ASN A 55 -18.41 -8.48 13.92
C ASN A 55 -18.57 -7.07 14.50
N VAL A 56 -17.77 -6.11 14.05
CA VAL A 56 -18.02 -4.65 14.30
C VAL A 56 -18.03 -3.92 12.97
N ALA A 57 -19.20 -3.47 12.55
CA ALA A 57 -19.44 -2.93 11.20
C ALA A 57 -18.50 -1.73 10.95
N ASP A 58 -17.83 -1.74 9.79
CA ASP A 58 -17.11 -0.56 9.23
C ASP A 58 -16.07 -0.05 10.24
N THR A 59 -15.49 -0.94 11.02
CA THR A 59 -14.54 -0.54 12.11
C THR A 59 -13.20 -1.28 11.95
N PHE A 60 -12.10 -0.55 12.18
CA PHE A 60 -10.75 -0.93 11.75
C PHE A 60 -9.76 -0.55 12.85
N THR A 61 -8.62 -1.22 12.85
CA THR A 61 -7.36 -0.60 13.37
C THR A 61 -6.62 0.04 12.21
N LEU A 62 -5.86 1.07 12.50
CA LEU A 62 -5.00 1.75 11.49
C LEU A 62 -3.56 1.68 11.96
N CYS A 63 -2.77 0.84 11.33
CA CYS A 63 -1.37 0.57 11.73
C CYS A 63 -0.43 1.32 10.79
N ASN A 64 0.45 2.13 11.34
CA ASN A 64 1.45 2.82 10.50
C ASN A 64 2.45 1.78 9.94
N LEU A 65 2.59 1.74 8.63
CA LEU A 65 3.37 0.68 7.95
C LEU A 65 4.82 0.74 8.46
N PHE A 66 5.34 1.94 8.65
CA PHE A 66 6.76 2.12 8.98
C PHE A 66 7.01 1.76 10.46
N SER A 67 6.21 2.26 11.36
CA SER A 67 6.48 2.15 12.83
C SER A 67 5.95 0.81 13.37
N GLY A 68 4.88 0.31 12.78
CA GLY A 68 4.10 -0.81 13.32
C GLY A 68 3.25 -0.42 14.54
N THR A 69 3.09 0.90 14.80
CA THR A 69 2.25 1.38 15.93
C THR A 69 0.93 1.91 15.37
N TYR A 70 -0.05 2.05 16.24
CA TYR A 70 -1.47 2.21 15.85
C TYR A 70 -1.95 3.64 16.15
N MET A 71 -2.83 4.12 15.31
CA MET A 71 -3.50 5.40 15.57
C MET A 71 -4.36 5.26 16.84
N ASP A 72 -4.14 6.16 17.81
CA ASP A 72 -4.64 6.02 19.19
C ASP A 72 -5.19 7.37 19.65
N LEU A 73 -6.42 7.39 20.11
CA LEU A 73 -7.02 8.59 20.70
C LEU A 73 -6.66 8.64 22.17
N TYR A 74 -5.91 9.63 22.58
CA TYR A 74 -5.24 9.65 23.90
C TYR A 74 -6.30 9.49 25.03
N ASN A 75 -6.21 8.38 25.75
CA ASN A 75 -7.07 8.07 26.93
C ASN A 75 -8.55 8.02 26.49
N GLY A 76 -8.80 7.95 25.19
CA GLY A 76 -10.16 7.75 24.65
C GLY A 76 -11.08 8.94 24.95
N SER A 77 -10.53 10.10 25.22
CA SER A 77 -11.33 11.27 25.65
C SER A 77 -12.25 11.72 24.50
N SER A 78 -13.46 12.15 24.84
CA SER A 78 -14.43 12.71 23.87
CA SER A 78 -14.44 12.71 23.88
C SER A 78 -14.29 14.24 23.81
N GLU A 79 -13.37 14.82 24.59
CA GLU A 79 -13.13 16.28 24.56
CA GLU A 79 -13.12 16.28 24.56
C GLU A 79 -12.59 16.67 23.16
N ALA A 80 -13.11 17.73 22.61
CA ALA A 80 -12.55 18.33 21.39
C ALA A 80 -11.10 18.75 21.65
N GLY A 81 -10.20 18.36 20.77
CA GLY A 81 -8.77 18.74 20.85
C GLY A 81 -7.93 17.63 21.44
N THR A 82 -8.51 16.48 21.70
CA THR A 82 -7.79 15.33 22.28
C THR A 82 -6.71 14.85 21.28
N ALA A 83 -5.51 14.58 21.78
CA ALA A 83 -4.36 14.16 20.95
C ALA A 83 -4.67 12.83 20.23
N VAL A 84 -4.31 12.75 18.95
CA VAL A 84 -4.21 11.48 18.18
C VAL A 84 -2.73 11.16 17.97
N ASN A 85 -2.30 10.00 18.45
CA ASN A 85 -0.87 9.63 18.54
C ASN A 85 -0.67 8.22 18.01
N GLY A 86 0.55 7.87 17.70
CA GLY A 86 0.96 6.47 17.56
C GLY A 86 1.10 5.80 18.91
N TRP A 87 0.66 4.56 19.01
CA TRP A 87 0.75 3.79 20.28
C TRP A 87 0.90 2.31 19.96
N GLN A 88 1.62 1.56 20.81
CA GLN A 88 1.74 0.10 20.62
C GLN A 88 0.32 -0.55 20.70
N GLY A 89 0.09 -1.55 19.89
CA GLY A 89 -1.18 -2.27 19.91
C GLY A 89 -1.12 -3.53 19.11
N THR A 90 -2.27 -4.02 18.67
CA THR A 90 -2.37 -5.25 17.83
C THR A 90 -3.50 -5.08 16.82
N ALA A 91 -3.47 -5.88 15.76
CA ALA A 91 -4.34 -5.69 14.58
C ALA A 91 -5.81 -5.83 14.97
N PHE A 92 -6.13 -6.69 15.95
CA PHE A 92 -7.53 -7.02 16.31
C PHE A 92 -7.79 -6.69 17.79
N THR A 93 -7.28 -5.58 18.24
CA THR A 93 -7.40 -5.14 19.64
C THR A 93 -8.89 -4.88 20.00
N THR A 94 -9.23 -4.98 21.29
CA THR A 94 -10.54 -4.53 21.82
C THR A 94 -10.39 -3.15 22.48
N ASN A 95 -9.20 -2.56 22.41
CA ASN A 95 -8.92 -1.23 22.99
C ASN A 95 -9.60 -0.17 22.14
N PRO A 96 -10.69 0.47 22.64
CA PRO A 96 -11.46 1.37 21.79
C PRO A 96 -10.68 2.66 21.46
N HIS A 97 -9.58 2.90 22.14
CA HIS A 97 -8.70 4.05 21.78
C HIS A 97 -8.18 3.84 20.36
N GLN A 98 -8.07 2.58 19.92
CA GLN A 98 -7.35 2.23 18.67
C GLN A 98 -8.34 1.66 17.64
N LEU A 99 -9.64 1.81 17.89
CA LEU A 99 -10.67 1.32 16.96
C LEU A 99 -11.35 2.51 16.27
N TRP A 100 -11.51 2.43 14.97
CA TRP A 100 -11.94 3.56 14.14
C TRP A 100 -13.03 3.11 13.18
N THR A 101 -14.20 3.75 13.25
CA THR A 101 -15.29 3.52 12.28
C THR A 101 -15.09 4.47 11.10
N ILE A 102 -14.93 3.92 9.92
CA ILE A 102 -14.55 4.68 8.71
C ILE A 102 -15.61 4.47 7.64
N LYS A 103 -16.38 5.51 7.35
CA LYS A 103 -17.49 5.44 6.38
CA LYS A 103 -17.53 5.48 6.41
C LYS A 103 -17.48 6.70 5.49
N LYS A 104 -18.08 6.60 4.33
CA LYS A 104 -18.10 7.69 3.36
C LYS A 104 -18.76 8.94 4.01
N SER A 105 -18.21 10.08 3.72
CA SER A 105 -18.78 11.40 4.08
C SER A 105 -20.01 11.71 3.21
N SER A 106 -20.56 12.90 3.37
CA SER A 106 -21.76 13.34 2.63
C SER A 106 -21.41 13.60 1.16
N ASP A 107 -20.13 13.70 0.82
CA ASP A 107 -19.71 13.94 -0.60
C ASP A 107 -19.55 12.57 -1.34
N GLY A 108 -19.62 11.46 -0.61
CA GLY A 108 -19.68 10.08 -1.18
C GLY A 108 -18.33 9.61 -1.74
N THR A 109 -17.27 10.44 -1.62
CA THR A 109 -15.92 10.09 -2.16
CA THR A 109 -15.92 10.13 -2.17
C THR A 109 -14.89 10.07 -1.02
N SER A 110 -14.90 11.09 -0.18
N SER A 110 -14.87 11.11 -0.18
CA SER A 110 -14.04 11.13 1.05
CA SER A 110 -14.05 11.16 1.06
C SER A 110 -14.73 10.39 2.20
C SER A 110 -14.68 10.27 2.13
N TYR A 111 -13.96 10.07 3.23
CA TYR A 111 -14.44 9.35 4.42
C TYR A 111 -14.39 10.28 5.62
N LYS A 112 -15.11 9.93 6.66
CA LYS A 112 -14.84 10.42 8.01
C LYS A 112 -14.34 9.25 8.89
N ILE A 113 -13.53 9.57 9.88
CA ILE A 113 -12.86 8.60 10.74
C ILE A 113 -13.31 8.85 12.17
N GLN A 114 -14.14 7.99 12.71
CA GLN A 114 -14.73 8.18 14.05
C GLN A 114 -14.09 7.20 15.04
N ASN A 115 -13.65 7.70 16.18
CA ASN A 115 -13.18 6.78 17.24
C ASN A 115 -14.37 5.98 17.76
N TYR A 116 -14.22 4.69 17.84
CA TYR A 116 -15.34 3.76 18.20
C TYR A 116 -15.78 4.01 19.64
N GLY A 117 -14.84 4.38 20.52
CA GLY A 117 -15.12 4.64 21.95
C GLY A 117 -15.76 6.00 22.17
N SER A 118 -15.15 7.05 21.65
CA SER A 118 -15.51 8.46 21.99
C SER A 118 -16.66 8.95 21.08
N LYS A 119 -16.73 8.43 19.87
CA LYS A 119 -17.64 8.89 18.78
C LYS A 119 -17.28 10.32 18.36
N THR A 120 -16.04 10.72 18.58
CA THR A 120 -15.49 11.97 17.99
C THR A 120 -14.70 11.61 16.72
N PHE A 121 -14.35 12.61 15.94
CA PHE A 121 -13.85 12.43 14.58
C PHE A 121 -12.41 12.95 14.47
N VAL A 122 -11.62 12.29 13.66
CA VAL A 122 -10.26 12.76 13.32
C VAL A 122 -10.36 14.11 12.56
N ASP A 123 -9.67 15.11 13.07
CA ASP A 123 -9.86 16.51 12.66
C ASP A 123 -8.48 17.14 12.45
N LEU A 124 -8.22 17.65 11.26
CA LEU A 124 -7.04 18.50 10.99
C LEU A 124 -7.33 19.91 11.52
N VAL A 125 -6.80 20.23 12.69
CA VAL A 125 -7.35 21.35 13.50
C VAL A 125 -7.20 22.67 12.70
N ASN A 126 -8.33 23.36 12.49
CA ASN A 126 -8.38 24.66 11.80
C ASN A 126 -8.04 24.48 10.31
N GLY A 127 -8.01 23.26 9.82
CA GLY A 127 -7.66 23.02 8.40
C GLY A 127 -6.26 23.53 8.09
N ASP A 128 -5.37 23.49 9.07
CA ASP A 128 -4.00 24.03 8.96
C ASP A 128 -3.19 23.16 7.98
N SER A 129 -2.64 23.77 6.94
CA SER A 129 -1.90 23.07 5.88
C SER A 129 -0.39 22.97 6.22
N SER A 130 0.02 23.51 7.35
CA SER A 130 1.45 23.56 7.76
CA SER A 130 1.44 23.55 7.78
C SER A 130 1.96 22.13 8.01
N ASP A 131 3.24 21.92 7.79
CA ASP A 131 3.89 20.63 8.14
C ASP A 131 3.97 20.52 9.66
N GLY A 132 3.30 19.53 10.22
CA GLY A 132 3.31 19.30 11.67
C GLY A 132 2.03 19.80 12.35
N ALA A 133 1.05 20.20 11.57
CA ALA A 133 -0.25 20.67 12.10
C ALA A 133 -0.90 19.58 12.97
N LYS A 134 -1.47 19.99 14.07
CA LYS A 134 -2.14 19.06 15.01
C LYS A 134 -3.29 18.33 14.30
N ILE A 135 -3.41 17.05 14.55
CA ILE A 135 -4.64 16.26 14.28
C ILE A 135 -5.20 15.79 15.61
N ALA A 136 -6.51 15.98 15.81
CA ALA A 136 -7.16 15.76 17.13
C ALA A 136 -8.47 15.03 16.94
N GLY A 137 -8.94 14.43 17.97
CA GLY A 137 -10.34 14.01 18.06
C GLY A 137 -11.25 15.21 18.31
N TRP A 138 -12.31 15.34 17.57
CA TRP A 138 -13.15 16.56 17.66
C TRP A 138 -14.63 16.18 17.52
N THR A 139 -15.50 16.93 18.17
CA THR A 139 -16.96 16.82 17.99
CA THR A 139 -16.96 16.87 17.97
C THR A 139 -17.27 16.91 16.49
N GLY A 140 -18.23 16.16 16.04
CA GLY A 140 -18.70 16.25 14.65
C GLY A 140 -19.89 15.40 14.38
N THR A 141 -20.33 15.37 13.13
CA THR A 141 -21.45 14.49 12.70
C THR A 141 -21.04 13.74 11.45
N TRP A 142 -21.78 12.71 11.10
CA TRP A 142 -21.46 11.88 9.93
C TRP A 142 -21.77 12.65 8.63
N ASP A 143 -22.74 13.56 8.67
CA ASP A 143 -23.41 14.08 7.44
C ASP A 143 -22.86 15.48 7.06
N GLU A 144 -22.15 16.17 7.97
CA GLU A 144 -21.78 17.61 7.74
C GLU A 144 -20.66 17.72 6.69
N GLY A 145 -20.50 18.89 6.08
CA GLY A 145 -19.57 19.12 4.96
C GLY A 145 -18.14 19.46 5.44
N ASN A 146 -17.96 19.73 6.76
CA ASN A 146 -16.70 20.25 7.37
C ASN A 146 -15.48 19.52 6.77
N PRO A 147 -14.65 20.19 5.95
CA PRO A 147 -13.49 19.53 5.31
CA PRO A 147 -13.51 19.53 5.32
C PRO A 147 -12.36 19.20 6.32
N HIS A 148 -12.36 19.85 7.49
CA HIS A 148 -11.36 19.52 8.55
C HIS A 148 -11.46 18.03 8.90
N GLN A 149 -12.63 17.40 8.71
CA GLN A 149 -12.91 16.05 9.20
C GLN A 149 -13.16 15.08 8.01
N LYS A 150 -12.82 15.48 6.82
CA LYS A 150 -13.01 14.61 5.63
CA LYS A 150 -12.99 14.64 5.60
C LYS A 150 -11.62 14.18 5.10
N TRP A 151 -11.53 12.94 4.67
CA TRP A 151 -10.23 12.29 4.35
C TRP A 151 -10.40 11.39 3.13
N TYR A 152 -9.60 11.63 2.10
CA TYR A 152 -9.51 10.70 0.94
C TYR A 152 -8.61 9.52 1.30
N PHE A 153 -9.13 8.30 1.15
CA PHE A 153 -8.35 7.08 1.41
C PHE A 153 -7.76 6.57 0.08
N ASN A 154 -6.60 7.09 -0.26
CA ASN A 154 -5.87 6.75 -1.51
C ASN A 154 -5.27 5.34 -1.38
N ARG A 155 -5.84 4.38 -2.09
CA ARG A 155 -5.50 2.95 -1.91
C ARG A 155 -4.14 2.65 -2.56
N MET A 156 -3.19 2.15 -1.79
CA MET A 156 -1.79 1.94 -2.25
C MET A 156 -1.53 0.44 -2.45
N SER A 157 -2.48 -0.43 -2.07
CA SER A 157 -2.29 -1.90 -2.12
C SER A 157 -3.30 -2.53 -3.08
N VAL A 158 -3.03 -3.75 -3.51
CA VAL A 158 -4.01 -4.60 -4.23
C VAL A 158 -4.23 -5.88 -3.45
N SER A 159 -5.42 -6.45 -3.55
CA SER A 159 -5.66 -7.84 -3.12
C SER A 159 -5.03 -8.80 -4.14
N SER A 160 -4.87 -10.05 -3.78
CA SER A 160 -4.43 -11.08 -4.76
C SER A 160 -5.50 -11.24 -5.88
N ALA A 161 -6.76 -11.02 -5.55
CA ALA A 161 -7.85 -11.05 -6.57
C ALA A 161 -7.66 -9.92 -7.59
N GLU A 162 -7.30 -8.72 -7.12
CA GLU A 162 -7.08 -7.57 -8.03
CA GLU A 162 -7.04 -7.54 -8.01
C GLU A 162 -5.83 -7.83 -8.90
N ALA A 163 -4.77 -8.40 -8.32
CA ALA A 163 -3.54 -8.73 -9.07
C ALA A 163 -3.86 -9.78 -10.15
N GLN A 164 -4.65 -10.74 -9.79
CA GLN A 164 -5.06 -11.81 -10.71
CA GLN A 164 -5.13 -11.82 -10.72
C GLN A 164 -5.84 -11.18 -11.90
N ALA A 165 -6.73 -10.24 -11.62
CA ALA A 165 -7.55 -9.62 -12.67
C ALA A 165 -6.66 -8.81 -13.62
N ALA A 166 -5.68 -8.11 -13.07
CA ALA A 166 -4.76 -7.32 -13.89
C ALA A 166 -3.98 -8.25 -14.86
N ILE A 167 -3.48 -9.37 -14.37
CA ILE A 167 -2.76 -10.34 -15.24
C ILE A 167 -3.73 -10.84 -16.33
N ALA A 168 -4.95 -11.17 -15.94
CA ALA A 168 -5.90 -11.90 -16.83
C ALA A 168 -6.29 -11.00 -18.02
N ARG A 169 -6.25 -9.67 -17.87
CA ARG A 169 -6.69 -8.76 -18.96
CA ARG A 169 -6.67 -8.71 -18.93
C ARG A 169 -5.47 -8.34 -19.81
N ASN A 170 -4.30 -8.92 -19.53
CA ASN A 170 -3.09 -8.62 -20.32
C ASN A 170 -3.17 -9.38 -21.65
N PRO A 171 -2.70 -8.77 -22.76
CA PRO A 171 -2.77 -9.43 -24.08
C PRO A 171 -1.61 -10.42 -24.34
N HIS A 172 -0.69 -10.56 -23.38
CA HIS A 172 0.55 -11.40 -23.59
C HIS A 172 0.54 -12.59 -22.60
N ILE A 173 -0.57 -13.26 -22.47
CA ILE A 173 -0.70 -14.45 -21.59
C ILE A 173 -0.92 -15.68 -22.49
N HIS A 174 -0.10 -16.70 -22.31
CA HIS A 174 -0.18 -17.94 -23.13
C HIS A 174 -1.45 -18.69 -22.80
N GLY A 175 -1.96 -19.47 -23.75
CA GLY A 175 -3.15 -20.34 -23.54
C GLY A 175 -3.00 -21.28 -22.34
N THR A 176 -1.77 -21.68 -22.01
CA THR A 176 -1.51 -22.73 -21.00
C THR A 176 -1.19 -22.09 -19.62
N TYR A 177 -1.37 -20.78 -19.51
CA TYR A 177 -0.92 -20.01 -18.31
C TYR A 177 -1.50 -20.62 -17.03
N ARG A 178 -0.66 -20.72 -16.00
CA ARG A 178 -1.09 -21.01 -14.61
CA ARG A 178 -1.09 -21.01 -14.62
C ARG A 178 -0.41 -20.02 -13.68
N GLY A 179 -1.15 -19.45 -12.77
CA GLY A 179 -0.61 -18.52 -11.78
C GLY A 179 -0.61 -19.12 -10.41
N TYR A 180 0.35 -18.74 -9.59
CA TYR A 180 0.48 -19.28 -8.22
C TYR A 180 0.61 -18.11 -7.25
N ILE A 181 -0.44 -17.85 -6.51
CA ILE A 181 -0.53 -16.71 -5.58
C ILE A 181 0.15 -17.10 -4.25
N LEU A 182 0.90 -16.17 -3.66
CA LEU A 182 1.74 -16.48 -2.47
C LEU A 182 1.21 -15.73 -1.23
N ASP A 183 0.58 -14.56 -1.42
CA ASP A 183 0.18 -13.66 -0.31
C ASP A 183 -1.21 -13.06 -0.62
N GLY A 184 -1.71 -12.22 0.26
CA GLY A 184 -3.12 -11.77 0.21
C GLY A 184 -3.26 -10.31 -0.23
N GLU A 185 -2.38 -9.44 0.26
CA GLU A 185 -2.50 -7.98 0.11
C GLU A 185 -1.11 -7.40 -0.14
N TYR A 186 -0.97 -6.65 -1.20
CA TYR A 186 0.37 -6.23 -1.73
C TYR A 186 0.44 -4.71 -1.80
N LEU A 187 1.51 -4.14 -1.26
CA LEU A 187 1.88 -2.74 -1.55
C LEU A 187 2.40 -2.65 -2.99
N VAL A 188 1.80 -1.81 -3.78
CA VAL A 188 2.23 -1.56 -5.16
C VAL A 188 3.28 -0.46 -5.13
N LEU A 189 4.43 -0.73 -5.68
CA LEU A 189 5.55 0.24 -5.71
C LEU A 189 5.41 1.16 -6.92
N PRO A 190 5.65 2.46 -6.77
CA PRO A 190 6.04 3.28 -7.91
C PRO A 190 7.25 2.67 -8.63
N ASN A 191 7.31 2.80 -9.94
CA ASN A 191 8.46 2.32 -10.71
C ASN A 191 9.77 2.93 -10.13
N ALA A 192 9.72 4.15 -9.63
CA ALA A 192 10.93 4.82 -9.09
C ALA A 192 11.50 3.99 -7.94
N THR A 193 10.64 3.43 -7.10
CA THR A 193 11.07 2.61 -5.94
C THR A 193 11.48 1.21 -6.42
N PHE A 194 10.69 0.62 -7.29
CA PHE A 194 11.02 -0.71 -7.89
C PHE A 194 12.43 -0.65 -8.51
N THR A 195 12.72 0.45 -9.21
CA THR A 195 14.02 0.67 -9.87
C THR A 195 15.12 0.81 -8.80
N GLN A 196 14.85 1.54 -7.73
CA GLN A 196 15.84 1.74 -6.64
C GLN A 196 16.22 0.37 -6.03
N ILE A 197 15.24 -0.48 -5.77
CA ILE A 197 15.51 -1.82 -5.21
C ILE A 197 16.39 -2.61 -6.20
N TRP A 198 16.10 -2.55 -7.48
CA TRP A 198 16.92 -3.21 -8.51
C TRP A 198 18.34 -2.63 -8.48
N LYS A 199 18.46 -1.32 -8.41
CA LYS A 199 19.77 -0.60 -8.44
CA LYS A 199 19.77 -0.64 -8.47
C LYS A 199 20.62 -1.02 -7.24
N ASP A 200 19.98 -1.30 -6.12
CA ASP A 200 20.68 -1.54 -4.83
C ASP A 200 20.89 -3.06 -4.63
N SER A 201 20.36 -3.89 -5.55
CA SER A 201 20.36 -5.37 -5.41
C SER A 201 21.72 -5.95 -5.82
N GLY A 202 22.45 -5.23 -6.66
CA GLY A 202 23.69 -5.74 -7.30
C GLY A 202 23.41 -6.40 -8.66
N LEU A 203 22.15 -6.47 -9.09
CA LEU A 203 21.80 -7.11 -10.38
C LEU A 203 22.31 -6.28 -11.57
N PRO A 204 22.31 -4.92 -11.50
CA PRO A 204 22.77 -4.13 -12.65
C PRO A 204 24.19 -4.53 -13.09
N GLY A 205 25.00 -4.97 -12.14
CA GLY A 205 26.39 -5.39 -12.39
C GLY A 205 26.50 -6.86 -12.82
N SER A 206 25.45 -7.65 -12.66
CA SER A 206 25.50 -9.12 -12.91
C SER A 206 25.58 -9.40 -14.43
N LYS A 207 26.41 -10.39 -14.82
CA LYS A 207 26.58 -10.81 -16.25
C LYS A 207 25.72 -12.04 -16.51
N TRP A 208 25.07 -12.08 -17.67
CA TRP A 208 24.37 -13.29 -18.15
C TRP A 208 25.40 -14.40 -18.38
N ARG A 209 25.13 -15.58 -17.86
CA ARG A 209 25.98 -16.77 -18.04
C ARG A 209 25.08 -17.97 -18.28
N GLU A 210 25.43 -18.80 -19.23
CA GLU A 210 24.60 -19.95 -19.68
CA GLU A 210 24.57 -19.93 -19.67
C GLU A 210 24.29 -20.86 -18.47
N GLN A 211 23.00 -20.98 -18.13
CA GLN A 211 22.41 -21.84 -17.02
C GLN A 211 22.80 -21.31 -15.62
N ILE A 212 24.06 -20.95 -15.40
CA ILE A 212 24.59 -20.70 -14.02
C ILE A 212 24.14 -19.29 -13.52
N TYR A 213 23.89 -18.37 -14.43
CA TYR A 213 23.21 -17.08 -14.04
C TYR A 213 22.52 -16.50 -15.24
N ASP A 214 21.44 -17.14 -15.62
CA ASP A 214 20.70 -16.77 -16.84
C ASP A 214 19.34 -16.16 -16.41
N ALA A 215 18.38 -16.08 -17.30
CA ALA A 215 17.16 -15.25 -17.06
C ALA A 215 16.49 -15.66 -15.73
N ASP A 216 16.37 -16.96 -15.45
CA ASP A 216 15.63 -17.41 -14.27
C ASP A 216 16.38 -16.93 -13.00
N ASP A 217 17.70 -16.84 -13.05
CA ASP A 217 18.48 -16.39 -11.87
C ASP A 217 18.21 -14.90 -11.64
N PHE A 218 18.20 -14.11 -12.69
CA PHE A 218 17.94 -12.64 -12.57
C PHE A 218 16.53 -12.40 -11.99
N ALA A 219 15.54 -13.10 -12.50
CA ALA A 219 14.14 -12.87 -12.10
C ALA A 219 13.93 -13.29 -10.64
N ILE A 220 14.48 -14.43 -10.24
CA ILE A 220 14.32 -14.90 -8.85
C ILE A 220 15.14 -13.98 -7.91
N ALA A 221 16.31 -13.52 -8.34
CA ALA A 221 17.11 -12.60 -7.50
C ALA A 221 16.32 -11.31 -7.26
N MET A 222 15.68 -10.79 -8.29
CA MET A 222 14.92 -9.52 -8.15
C MET A 222 13.72 -9.74 -7.18
N LYS A 223 13.02 -10.87 -7.29
CA LYS A 223 11.92 -11.13 -6.36
C LYS A 223 12.48 -11.24 -4.92
N ALA A 224 13.59 -11.92 -4.74
CA ALA A 224 14.19 -12.04 -3.40
C ALA A 224 14.59 -10.63 -2.89
N ALA A 225 15.14 -9.81 -3.77
CA ALA A 225 15.59 -8.45 -3.36
C ALA A 225 14.38 -7.62 -2.86
N VAL A 226 13.24 -7.73 -3.53
CA VAL A 226 12.05 -6.94 -3.14
C VAL A 226 11.46 -7.53 -1.84
N GLY A 227 11.54 -8.83 -1.65
CA GLY A 227 11.12 -9.47 -0.39
C GLY A 227 11.98 -9.00 0.78
N LYS A 228 13.27 -8.98 0.58
CA LYS A 228 14.20 -8.52 1.64
C LYS A 228 13.92 -7.03 1.95
N TRP A 229 13.75 -6.23 0.93
CA TRP A 229 13.49 -4.79 1.11
C TRP A 229 12.21 -4.61 1.93
N GLY A 230 11.18 -5.40 1.65
CA GLY A 230 9.90 -5.29 2.37
C GLY A 230 10.10 -5.49 3.86
N ALA A 231 10.75 -6.55 4.23
CA ALA A 231 10.92 -6.92 5.65
C ALA A 231 11.83 -5.88 6.33
N ASP A 232 12.84 -5.44 5.64
CA ASP A 232 13.87 -4.55 6.25
C ASP A 232 13.30 -3.13 6.39
N SER A 233 12.35 -2.75 5.56
CA SER A 233 11.89 -1.34 5.41
C SER A 233 10.73 -1.04 6.37
N TRP A 234 9.86 -2.02 6.61
CA TRP A 234 8.53 -1.80 7.27
C TRP A 234 8.45 -2.63 8.53
N LYS A 235 7.84 -2.11 9.56
CA LYS A 235 7.72 -2.85 10.86
C LYS A 235 6.32 -3.48 10.99
N ALA A 236 5.32 -2.98 10.27
CA ALA A 236 3.97 -3.59 10.28
C ALA A 236 4.03 -5.00 9.67
N ASN A 237 3.04 -5.84 9.97
CA ASN A 237 2.88 -7.17 9.37
C ASN A 237 1.52 -7.25 8.69
N GLY A 238 1.31 -8.26 7.87
CA GLY A 238 -0.02 -8.57 7.30
C GLY A 238 -0.16 -8.07 5.87
N PHE A 239 0.95 -7.84 5.20
CA PHE A 239 0.96 -7.45 3.78
C PHE A 239 2.30 -7.89 3.16
N ALA A 240 2.37 -7.89 1.85
CA ALA A 240 3.60 -8.15 1.08
C ALA A 240 3.84 -7.02 0.09
N ILE A 241 4.99 -7.03 -0.56
CA ILE A 241 5.33 -6.08 -1.63
C ILE A 241 5.05 -6.77 -2.96
N PHE A 242 4.44 -6.07 -3.88
CA PHE A 242 4.13 -6.70 -5.18
C PHE A 242 5.40 -6.78 -6.05
N CYS A 243 5.77 -7.99 -6.42
CA CYS A 243 6.81 -8.27 -7.41
C CYS A 243 6.64 -9.69 -7.93
N GLY A 244 6.26 -9.84 -9.15
CA GLY A 244 5.98 -11.16 -9.71
C GLY A 244 7.15 -11.70 -10.51
N VAL A 245 7.24 -13.01 -10.61
CA VAL A 245 8.10 -13.70 -11.58
C VAL A 245 7.20 -14.34 -12.62
N MET A 246 7.55 -14.20 -13.87
CA MET A 246 6.87 -14.93 -14.97
C MET A 246 7.90 -15.77 -15.74
N LEU A 247 7.44 -16.91 -16.27
CA LEU A 247 8.08 -17.64 -17.37
C LEU A 247 7.25 -17.45 -18.64
N GLY A 248 7.91 -17.20 -19.75
CA GLY A 248 7.24 -16.92 -21.02
C GLY A 248 7.83 -17.71 -22.18
N VAL A 249 7.05 -17.83 -23.26
CA VAL A 249 7.46 -18.50 -24.50
C VAL A 249 7.13 -17.59 -25.68
N ASN A 250 8.01 -17.53 -26.66
CA ASN A 250 7.83 -16.58 -27.82
C ASN A 250 6.75 -17.14 -28.78
N LYS A 251 6.31 -16.32 -29.72
CA LYS A 251 5.21 -16.66 -30.68
C LYS A 251 5.53 -17.98 -31.37
N ALA A 252 6.78 -18.17 -31.75
CA ALA A 252 7.24 -19.31 -32.58
C ALA A 252 7.27 -20.58 -31.72
N GLY A 253 7.25 -20.44 -30.40
CA GLY A 253 7.20 -21.57 -29.46
C GLY A 253 8.56 -22.29 -29.35
N ASP A 254 9.66 -21.57 -29.62
CA ASP A 254 11.01 -22.18 -29.73
C ASP A 254 12.04 -21.33 -28.94
N ALA A 255 11.57 -20.47 -28.06
CA ALA A 255 12.44 -19.81 -27.04
C ALA A 255 11.60 -19.46 -25.81
N ALA A 256 12.21 -19.51 -24.63
CA ALA A 256 11.53 -19.17 -23.36
C ALA A 256 12.44 -18.29 -22.51
N ALA A 257 11.85 -17.53 -21.64
CA ALA A 257 12.54 -16.50 -20.85
C ALA A 257 11.89 -16.41 -19.49
N ALA A 258 12.59 -15.81 -18.53
CA ALA A 258 12.04 -15.45 -17.22
C ALA A 258 12.23 -13.95 -17.00
N TYR A 259 11.28 -13.32 -16.37
CA TYR A 259 11.28 -11.87 -16.15
C TYR A 259 10.35 -11.54 -14.98
N ASN A 260 10.27 -10.28 -14.61
CA ASN A 260 9.45 -9.86 -13.48
C ASN A 260 8.25 -9.07 -14.01
N PHE A 261 7.32 -8.74 -13.15
CA PHE A 261 6.24 -7.79 -13.50
C PHE A 261 5.78 -7.04 -12.24
N THR A 262 5.26 -5.86 -12.48
CA THR A 262 4.71 -4.97 -11.47
C THR A 262 3.37 -4.49 -11.97
N LEU A 263 2.76 -3.53 -11.28
N LEU A 263 2.77 -3.51 -11.28
CA LEU A 263 1.40 -3.02 -11.63
CA LEU A 263 1.39 -3.03 -11.56
C LEU A 263 1.47 -1.54 -11.94
C LEU A 263 1.44 -1.55 -11.88
N THR A 264 0.58 -1.10 -12.81
CA THR A 264 0.40 0.33 -13.15
C THR A 264 -0.06 1.12 -11.90
N LYS A 265 0.00 2.45 -11.98
CA LYS A 265 -0.47 3.38 -10.91
CA LYS A 265 -0.47 3.38 -10.91
C LYS A 265 -1.95 3.10 -10.58
N ASP A 266 -2.75 2.83 -11.61
CA ASP A 266 -4.23 2.67 -11.44
C ASP A 266 -4.55 1.21 -11.04
N HIS A 267 -3.52 0.34 -10.94
CA HIS A 267 -3.65 -1.04 -10.36
C HIS A 267 -4.43 -1.95 -11.33
N ALA A 268 -4.68 -1.48 -12.54
CA ALA A 268 -5.61 -2.18 -13.47
C ALA A 268 -4.83 -3.15 -14.37
N ASP A 269 -3.54 -2.89 -14.58
CA ASP A 269 -2.73 -3.61 -15.63
C ASP A 269 -1.38 -3.99 -15.07
N ILE A 270 -0.75 -5.01 -15.63
CA ILE A 270 0.64 -5.35 -15.27
C ILE A 270 1.60 -4.70 -16.28
N VAL A 271 2.83 -4.51 -15.86
CA VAL A 271 3.93 -4.04 -16.68
C VAL A 271 5.11 -5.01 -16.48
N PHE A 272 5.74 -5.39 -17.53
CA PHE A 272 6.87 -6.35 -17.47
C PHE A 272 8.15 -5.59 -17.09
N PHE A 273 9.01 -6.24 -16.33
CA PHE A 273 10.31 -5.69 -15.91
C PHE A 273 11.42 -6.69 -16.29
N GLU A 274 12.43 -6.21 -17.00
CA GLU A 274 13.58 -7.02 -17.42
C GLU A 274 14.73 -6.81 -16.41
N PRO A 275 15.00 -7.77 -15.50
CA PRO A 275 16.01 -7.55 -14.47
C PRO A 275 17.45 -7.61 -15.01
N GLN A 276 17.61 -7.94 -16.27
CA GLN A 276 18.95 -7.95 -16.92
C GLN A 276 19.34 -6.52 -17.34
N ASN A 277 18.37 -5.57 -17.37
CA ASN A 277 18.74 -4.20 -17.86
C ASN A 277 17.84 -3.11 -17.23
N GLY A 278 16.93 -3.47 -16.34
CA GLY A 278 16.13 -2.47 -15.56
C GLY A 278 15.02 -1.81 -16.40
N GLY A 279 14.76 -2.33 -17.60
CA GLY A 279 13.74 -1.79 -18.50
C GLY A 279 12.32 -2.21 -18.10
N TYR A 280 11.35 -1.32 -18.29
CA TYR A 280 9.90 -1.63 -18.18
C TYR A 280 9.33 -1.74 -19.59
N LEU A 281 8.51 -2.74 -19.82
CA LEU A 281 7.96 -3.01 -21.18
C LEU A 281 6.48 -3.35 -21.06
N ASN A 282 5.68 -2.95 -22.05
CA ASN A 282 4.29 -3.41 -22.16
C ASN A 282 4.26 -4.71 -22.97
N ASP A 283 5.31 -4.97 -23.73
CA ASP A 283 5.48 -6.22 -24.53
C ASP A 283 6.94 -6.65 -24.46
N ILE A 284 7.20 -7.75 -23.77
CA ILE A 284 8.60 -8.21 -23.53
C ILE A 284 8.96 -9.30 -24.55
N GLY A 285 8.06 -9.55 -25.53
CA GLY A 285 8.32 -10.47 -26.65
C GLY A 285 8.08 -11.94 -26.28
N TYR A 286 7.47 -12.19 -25.12
CA TYR A 286 7.07 -13.55 -24.68
C TYR A 286 5.65 -13.51 -24.17
N ASP A 287 4.95 -14.64 -24.28
CA ASP A 287 3.63 -14.86 -23.65
C ASP A 287 3.82 -15.69 -22.39
N SER A 288 3.32 -15.24 -21.28
CA SER A 288 3.57 -15.88 -19.94
CA SER A 288 3.58 -15.87 -19.97
C SER A 288 2.79 -17.19 -19.86
N TYR A 289 3.48 -18.28 -19.48
CA TYR A 289 2.81 -19.57 -19.23
C TYR A 289 2.84 -19.92 -17.74
N MET A 290 3.57 -19.17 -16.96
CA MET A 290 3.53 -19.37 -15.49
C MET A 290 3.88 -18.07 -14.80
N ALA A 291 3.29 -17.84 -13.65
CA ALA A 291 3.67 -16.72 -12.77
C ALA A 291 3.60 -17.16 -11.34
N PHE A 292 4.44 -16.60 -10.51
CA PHE A 292 4.20 -16.65 -9.06
C PHE A 292 4.47 -15.28 -8.49
N TYR A 293 3.65 -14.89 -7.56
CA TYR A 293 3.60 -13.50 -7.03
C TYR A 293 2.88 -13.51 -5.72
N PRO B 1 11.07 -25.12 -25.58
CA PRO B 1 12.32 -24.37 -25.36
C PRO B 1 12.68 -24.27 -23.88
N VAL B 2 13.95 -24.01 -23.57
CA VAL B 2 14.45 -23.91 -22.17
C VAL B 2 14.46 -22.42 -21.76
N VAL B 3 14.11 -22.15 -20.49
CA VAL B 3 14.09 -20.77 -19.91
C VAL B 3 15.51 -20.23 -19.87
N ARG B 4 15.81 -19.23 -20.70
CA ARG B 4 17.22 -18.79 -20.98
C ARG B 4 17.31 -17.27 -20.86
C1 GAL C . 10.54 13.23 7.43
C2 GAL C . 10.00 12.87 6.06
C3 GAL C . 8.78 13.68 5.70
C4 GAL C . 7.74 13.64 6.81
C5 GAL C . 8.42 14.02 8.15
C5 GAL C . 8.40 14.00 8.15
C6 GAL C . 7.46 14.02 9.35
C6 GAL C . 7.42 13.88 9.30
O1 GAL C . 11.50 12.33 7.77
O2 GAL C . 11.05 13.11 5.10
O3 GAL C . 8.25 13.20 4.43
O4 GAL C . 7.13 12.33 6.90
O5 GAL C . 9.49 13.11 8.40
O6 GAL C . 7.19 12.70 9.79
O6 GAL C . 8.08 14.26 10.52
C1 FUC C . 11.10 12.41 4.00
C2 FUC C . 12.33 12.86 3.22
C3 FUC C . 13.61 12.42 3.90
C4 FUC C . 13.57 10.94 4.21
C5 FUC C . 12.32 10.59 5.01
C6 FUC C . 12.23 9.14 5.29
O2 FUC C . 12.31 14.28 3.10
O3 FUC C . 14.76 12.74 3.06
O4 FUC C . 13.60 10.17 2.99
O5 FUC C . 11.15 10.97 4.24
C1 GLA C . 7.23 13.89 3.88
C2 GLA C . 6.81 13.35 2.50
C3 GLA C . 7.84 13.75 1.45
C4 GLA C . 8.06 15.27 1.51
C5 GLA C . 8.49 15.63 2.94
C6 GLA C . 8.78 17.10 3.11
O2 GLA C . 6.69 11.95 2.53
O3 GLA C . 7.38 13.38 0.17
O4 GLA C . 6.88 15.97 1.17
O5 GLA C . 7.43 15.27 3.81
O6 GLA C . 9.23 17.38 4.46
C1 GLA D . -13.68 24.71 13.19
C2 GLA D . -14.90 23.79 12.86
C3 GLA D . -15.04 22.70 13.90
C4 GLA D . -13.70 21.95 13.98
C5 GLA D . -12.58 22.92 14.33
C6 GLA D . -11.20 22.24 14.45
O1 GLA D . -13.90 25.40 14.42
O2 GLA D . -16.09 24.59 12.79
O3 GLA D . -16.14 21.84 13.55
O4 GLA D . -13.46 21.26 12.73
O5 GLA D . -12.49 23.95 13.30
O6 GLA D . -10.66 21.98 13.14
C1 FUC D . -16.72 24.59 11.57
C2 FUC D . -18.08 25.28 11.69
C3 FUC D . -17.88 26.75 12.10
C4 FUC D . -17.00 27.42 11.10
C5 FUC D . -15.68 26.67 10.96
C6 FUC D . -14.77 27.30 9.92
O2 FUC D . -18.88 24.62 12.66
O3 FUC D . -19.15 27.42 12.15
O4 FUC D . -17.68 27.48 9.83
O5 FUC D . -15.95 25.27 10.60
C1 GLA D . -16.47 20.87 14.37
C2 GLA D . -17.71 20.18 13.99
C3 GLA D . -18.91 21.11 14.24
C4 GLA D . -18.93 21.51 15.68
C5 GLA D . -17.56 22.14 16.03
C6 GLA D . -17.43 22.52 17.49
O2 GLA D . -17.63 19.80 12.58
O3 GLA D . -20.12 20.41 13.88
O4 GLA D . -19.19 20.37 16.52
O5 GLA D . -16.52 21.20 15.72
O6 GLA D . -16.16 23.21 17.70
CA CA E . 19.68 -20.78 -14.22
CA CA F . 17.62 -21.36 -17.53
C1 EDO G . 25.82 -13.17 -9.94
O1 EDO G . 26.22 -11.97 -10.58
C2 EDO G . 25.46 -12.98 -8.47
O2 EDO G . 26.53 -12.41 -7.70
NA NA H . -16.01 -5.33 10.54
NA NA I . 2.78 12.90 23.06
#